data_4X92
#
_entry.id   4X92
#
_cell.length_a   257.239
_cell.length_b   257.239
_cell.length_c   257.239
_cell.angle_alpha   90.000
_cell.angle_beta   90.000
_cell.angle_gamma   90.000
#
_symmetry.space_group_name_H-M   'F 41 3 2'
#
loop_
_entity.id
_entity.type
_entity.pdbx_description
1 polymer 'Group XV phospholipase A2'
2 non-polymer 2-acetamido-2-deoxy-beta-D-glucopyranose
3 water water
#
_entity_poly.entity_id   1
_entity_poly.type   'polypeptide(L)'
_entity_poly.pdbx_seq_one_letter_code
;GAGRHPPVVLVPGDLGNQLEAKLDKPTVVHYLCSKKTESYFTIWLNLELLLPVIIDCWIDNIRLVYNKTSRATQFPDGVD
VRVPGFGKTFSLEFLDPSKSSVGSYFHTMVESLVGWGYTRGEDVRGAPYDWRRAPNENGPYFLALREMIEEMYQLYGGPV
VLVAHAMGNMYTLYFLQRQPQAWKDKYIRAFVSLGAPWGGVAKTLRVLASGDNNRIPVIGPLKIREQQRSAVSTSWLLPY
NYTWSPEKVFVQTPTINYTLRDYRKFFQDIGFEDGWLMRQDTEGLVEATMPPGVQLHCLYGTGVPTPDSFYYESFPDRDP
KICFGDGDGTVNLKSALQCQAWQSRQEHQVLLQELPGSEHIEMLANATTLAYLKRVLLGP
;
_entity_poly.pdbx_strand_id   A
#
loop_
_chem_comp.id
_chem_comp.type
_chem_comp.name
_chem_comp.formula
NAG D-saccharide, beta linking 2-acetamido-2-deoxy-beta-D-glucopyranose 'C8 H15 N O6'
#
# COMPACT_ATOMS: atom_id res chain seq x y z
N ARG A 4 -12.77 -26.33 13.07
CA ARG A 4 -13.26 -24.93 12.89
C ARG A 4 -12.11 -23.92 12.83
N HIS A 5 -11.92 -23.37 11.64
CA HIS A 5 -10.90 -22.39 11.35
C HIS A 5 -11.21 -21.02 11.91
N PRO A 6 -10.17 -20.25 12.19
CA PRO A 6 -10.41 -18.90 12.64
C PRO A 6 -10.84 -17.94 11.53
N PRO A 7 -11.57 -16.88 11.88
CA PRO A 7 -11.92 -15.87 10.87
C PRO A 7 -10.69 -15.13 10.34
N VAL A 8 -10.78 -14.69 9.09
CA VAL A 8 -9.68 -14.01 8.43
C VAL A 8 -10.12 -12.65 7.89
N VAL A 9 -9.28 -11.65 8.14
CA VAL A 9 -9.44 -10.33 7.50
C VAL A 9 -8.25 -10.06 6.60
N LEU A 10 -8.54 -9.66 5.37
CA LEU A 10 -7.53 -9.34 4.37
C LEU A 10 -7.36 -7.83 4.23
N VAL A 11 -6.11 -7.37 4.33
CA VAL A 11 -5.79 -5.94 4.23
C VAL A 11 -4.86 -5.71 3.03
N PRO A 12 -5.33 -4.98 2.01
CA PRO A 12 -4.55 -4.85 0.78
C PRO A 12 -3.52 -3.72 0.84
N GLY A 13 -2.69 -3.68 -0.18
CA GLY A 13 -1.68 -2.65 -0.30
C GLY A 13 -2.07 -1.50 -1.18
N ASP A 14 -1.07 -0.70 -1.56
CA ASP A 14 -1.26 0.39 -2.51
C ASP A 14 -1.74 -0.17 -3.85
N LEU A 15 -2.71 0.50 -4.45
CA LEU A 15 -3.39 0.04 -5.67
C LEU A 15 -4.19 -1.25 -5.48
N GLY A 16 -4.38 -1.66 -4.24
CA GLY A 16 -4.81 -3.02 -3.92
C GLY A 16 -6.29 -3.25 -3.74
N ASN A 17 -7.10 -2.23 -4.01
CA ASN A 17 -8.53 -2.42 -4.06
C ASN A 17 -9.18 -1.44 -5.00
N GLN A 18 -10.38 -1.81 -5.45
CA GLN A 18 -11.14 -0.93 -6.30
C GLN A 18 -11.44 0.41 -5.60
N LEU A 19 -11.56 1.46 -6.41
CA LEU A 19 -12.01 2.77 -5.96
C LEU A 19 -13.04 3.28 -6.94
N GLU A 20 -14.02 4.03 -6.44
CA GLU A 20 -15.11 4.54 -7.27
C GLU A 20 -15.21 6.04 -7.11
N ALA A 21 -15.66 6.73 -8.16
CA ALA A 21 -15.83 8.18 -8.08
C ALA A 21 -17.15 8.65 -8.65
N LYS A 22 -17.62 9.79 -8.18
CA LYS A 22 -18.80 10.46 -8.71
C LYS A 22 -18.47 11.93 -8.91
N LEU A 23 -18.93 12.53 -10.00
CA LEU A 23 -18.45 13.84 -10.41
C LEU A 23 -19.58 14.86 -10.56
N ASP A 24 -19.32 16.09 -10.08
CA ASP A 24 -20.12 17.26 -10.40
C ASP A 24 -19.19 18.49 -10.32
N LYS A 25 -18.30 18.59 -11.30
CA LYS A 25 -17.17 19.50 -11.24
C LYS A 25 -17.52 20.84 -11.83
N PRO A 26 -16.95 21.91 -11.28
CA PRO A 26 -17.12 23.25 -11.87
C PRO A 26 -16.42 23.41 -13.21
N THR A 27 -15.27 22.79 -13.38
CA THR A 27 -14.50 22.91 -14.64
C THR A 27 -13.74 21.62 -14.93
N VAL A 28 -13.27 21.51 -16.16
CA VAL A 28 -12.45 20.37 -16.60
C VAL A 28 -11.18 20.84 -17.28
N VAL A 29 -10.21 19.95 -17.42
CA VAL A 29 -8.95 20.29 -18.08
C VAL A 29 -9.04 20.32 -19.63
N HIS A 30 -9.96 19.57 -20.20
CA HIS A 30 -10.27 19.70 -21.64
C HIS A 30 -11.63 19.18 -21.92
N TYR A 31 -12.09 19.54 -23.11
CA TYR A 31 -13.49 19.32 -23.55
C TYR A 31 -13.92 17.89 -23.43
N LEU A 32 -13.03 16.95 -23.67
CA LEU A 32 -13.38 15.54 -23.67
C LEU A 32 -13.55 14.96 -22.26
N CYS A 33 -13.22 15.74 -21.22
CA CYS A 33 -13.46 15.30 -19.84
C CYS A 33 -14.91 15.51 -19.40
N SER A 34 -15.51 14.52 -18.73
CA SER A 34 -16.84 14.72 -18.17
C SER A 34 -16.82 15.67 -16.97
N LYS A 35 -17.76 16.59 -16.94
CA LYS A 35 -18.00 17.45 -15.75
C LYS A 35 -18.84 16.74 -14.71
N LYS A 36 -19.77 15.90 -15.15
CA LYS A 36 -20.75 15.31 -14.28
C LYS A 36 -20.99 13.85 -14.64
N THR A 37 -21.16 13.03 -13.61
CA THR A 37 -21.64 11.66 -13.80
C THR A 37 -22.91 11.46 -12.97
N GLU A 38 -23.81 10.63 -13.48
CA GLU A 38 -25.08 10.38 -12.82
C GLU A 38 -24.97 9.38 -11.66
N SER A 39 -23.94 8.55 -11.69
CA SER A 39 -23.69 7.58 -10.63
C SER A 39 -22.20 7.54 -10.31
N TYR A 40 -21.82 6.75 -9.31
CA TYR A 40 -20.41 6.37 -9.12
C TYR A 40 -19.96 5.41 -10.21
N PHE A 41 -18.70 5.52 -10.62
CA PHE A 41 -18.12 4.64 -11.62
C PHE A 41 -16.75 4.19 -11.08
N THR A 42 -16.25 3.07 -11.59
CA THR A 42 -14.98 2.55 -11.16
C THR A 42 -13.82 3.38 -11.73
N ILE A 43 -13.06 4.02 -10.84
CA ILE A 43 -11.92 4.83 -11.24
C ILE A 43 -10.58 4.07 -11.10
N TRP A 44 -10.56 3.02 -10.28
CA TRP A 44 -9.46 2.06 -10.25
C TRP A 44 -10.03 0.66 -10.01
N LEU A 45 -9.69 -0.35 -10.83
CA LEU A 45 -8.89 -0.25 -12.06
C LEU A 45 -9.81 -0.35 -13.27
N ASN A 46 -9.78 0.67 -14.14
CA ASN A 46 -10.63 0.69 -15.30
C ASN A 46 -9.82 1.14 -16.50
N LEU A 47 -9.51 0.17 -17.37
CA LEU A 47 -8.49 0.37 -18.39
C LEU A 47 -8.90 1.40 -19.42
N GLU A 48 -10.19 1.55 -19.65
CA GLU A 48 -10.65 2.48 -20.66
C GLU A 48 -10.41 3.96 -20.27
N LEU A 49 -10.19 4.22 -18.98
CA LEU A 49 -9.95 5.58 -18.53
C LEU A 49 -8.49 6.00 -18.68
N LEU A 50 -7.63 5.03 -18.98
CA LEU A 50 -6.19 5.21 -18.98
C LEU A 50 -5.61 5.31 -20.41
N LEU A 51 -6.48 5.44 -21.42
CA LEU A 51 -6.06 5.75 -22.79
C LEU A 51 -5.44 7.17 -22.87
N PRO A 52 -4.60 7.43 -23.89
CA PRO A 52 -3.92 8.72 -23.93
C PRO A 52 -4.91 9.89 -23.90
N VAL A 53 -5.83 9.95 -24.86
CA VAL A 53 -6.86 11.01 -24.88
C VAL A 53 -7.42 11.38 -23.49
N ILE A 54 -7.83 10.38 -22.72
CA ILE A 54 -8.63 10.54 -21.54
C ILE A 54 -7.86 10.53 -20.26
N ILE A 55 -6.57 10.15 -20.29
CA ILE A 55 -5.78 10.07 -19.07
C ILE A 55 -5.74 11.37 -18.26
N ASP A 56 -5.83 12.50 -18.97
CA ASP A 56 -5.81 13.80 -18.27
C ASP A 56 -7.06 13.96 -17.40
N CYS A 57 -8.21 13.45 -17.88
CA CYS A 57 -9.44 13.45 -17.11
C CYS A 57 -9.29 12.59 -15.84
N TRP A 58 -8.72 11.40 -16.01
CA TRP A 58 -8.51 10.50 -14.90
C TRP A 58 -7.61 11.12 -13.84
N ILE A 59 -6.48 11.67 -14.28
CA ILE A 59 -5.56 12.36 -13.37
C ILE A 59 -6.29 13.49 -12.61
N ASP A 60 -7.10 14.26 -13.33
CA ASP A 60 -7.79 15.38 -12.70
C ASP A 60 -8.78 14.93 -11.62
N ASN A 61 -9.30 13.70 -11.73
CA ASN A 61 -10.26 13.17 -10.77
C ASN A 61 -9.62 12.36 -9.64
N ILE A 62 -8.53 11.65 -9.92
CA ILE A 62 -7.94 10.77 -8.90
C ILE A 62 -6.78 11.43 -8.13
N ARG A 63 -6.34 12.60 -8.59
CA ARG A 63 -5.38 13.38 -7.80
C ARG A 63 -5.97 13.79 -6.45
N LEU A 64 -5.11 13.94 -5.46
CA LEU A 64 -5.46 14.62 -4.21
C LEU A 64 -4.92 16.06 -4.21
N VAL A 65 -5.65 16.94 -3.56
CA VAL A 65 -5.21 18.32 -3.34
C VAL A 65 -4.63 18.44 -1.92
N TYR A 66 -3.40 18.92 -1.82
CA TYR A 66 -2.81 19.14 -0.49
C TYR A 66 -3.08 20.55 0.01
N ASN A 67 -3.68 20.65 1.18
CA ASN A 67 -3.99 21.95 1.80
C ASN A 67 -2.95 22.26 2.87
N LYS A 68 -2.11 23.26 2.61
CA LYS A 68 -1.01 23.62 3.51
C LYS A 68 -1.47 24.15 4.86
N THR A 69 -2.65 24.76 4.87
CA THR A 69 -3.23 25.33 6.11
C THR A 69 -3.70 24.24 7.05
N SER A 70 -4.49 23.30 6.54
CA SER A 70 -4.99 22.21 7.35
C SER A 70 -3.97 21.07 7.48
N ARG A 71 -2.91 21.08 6.68
CA ARG A 71 -1.97 19.97 6.59
C ARG A 71 -2.72 18.66 6.36
N ALA A 72 -3.62 18.67 5.38
CA ALA A 72 -4.45 17.52 5.07
C ALA A 72 -4.78 17.53 3.58
N THR A 73 -5.24 16.41 3.07
CA THR A 73 -5.60 16.31 1.67
C THR A 73 -7.09 16.49 1.53
N GLN A 74 -7.49 16.89 0.33
CA GLN A 74 -8.90 17.00 -0.04
C GLN A 74 -9.05 16.44 -1.46
N PHE A 75 -10.25 16.03 -1.83
CA PHE A 75 -10.52 15.69 -3.22
C PHE A 75 -10.70 16.98 -4.02
N PRO A 76 -10.47 16.92 -5.35
CA PRO A 76 -10.72 18.14 -6.13
C PRO A 76 -12.20 18.53 -6.04
N ASP A 77 -12.48 19.81 -6.32
CA ASP A 77 -13.83 20.32 -6.23
C ASP A 77 -14.77 19.48 -7.08
N GLY A 78 -15.89 19.08 -6.49
CA GLY A 78 -16.92 18.33 -7.19
C GLY A 78 -16.61 16.87 -7.46
N VAL A 79 -15.59 16.33 -6.80
CA VAL A 79 -15.28 14.91 -6.93
C VAL A 79 -15.50 14.22 -5.60
N ASP A 80 -16.25 13.11 -5.60
CA ASP A 80 -16.25 12.22 -4.46
C ASP A 80 -15.67 10.86 -4.81
N VAL A 81 -14.94 10.29 -3.85
CA VAL A 81 -14.34 8.97 -4.01
C VAL A 81 -14.78 8.06 -2.88
N ARG A 82 -15.24 6.86 -3.23
CA ARG A 82 -15.61 5.88 -2.21
C ARG A 82 -14.88 4.56 -2.41
N VAL A 83 -14.80 3.79 -1.33
CA VAL A 83 -14.18 2.50 -1.34
C VAL A 83 -15.28 1.45 -1.30
N PRO A 84 -15.56 0.74 -2.41
CA PRO A 84 -16.59 -0.28 -2.37
C PRO A 84 -16.09 -1.59 -1.76
N GLY A 85 -17.02 -2.44 -1.33
CA GLY A 85 -16.72 -3.80 -0.95
C GLY A 85 -16.10 -4.01 0.43
N PHE A 86 -16.28 -3.04 1.33
CA PHE A 86 -15.80 -3.20 2.71
C PHE A 86 -16.59 -4.35 3.37
N GLY A 87 -15.87 -5.32 3.92
CA GLY A 87 -16.48 -6.49 4.52
C GLY A 87 -16.68 -7.62 3.54
N LYS A 88 -16.47 -7.37 2.25
CA LYS A 88 -16.60 -8.38 1.20
C LYS A 88 -15.20 -8.63 0.62
N THR A 89 -15.10 -9.43 -0.43
CA THR A 89 -13.78 -9.73 -1.00
C THR A 89 -13.65 -9.33 -2.45
N PHE A 90 -14.75 -9.02 -3.13
CA PHE A 90 -14.69 -8.85 -4.58
C PHE A 90 -13.72 -7.72 -4.99
N SER A 91 -13.64 -6.66 -4.20
CA SER A 91 -12.88 -5.48 -4.62
C SER A 91 -11.38 -5.60 -4.39
N LEU A 92 -10.98 -6.57 -3.58
CA LEU A 92 -9.58 -6.95 -3.47
C LEU A 92 -9.19 -8.18 -4.32
N GLU A 93 -10.16 -9.04 -4.66
CA GLU A 93 -9.84 -10.21 -5.49
C GLU A 93 -9.44 -9.79 -6.89
N PHE A 94 -10.22 -8.86 -7.45
CA PHE A 94 -9.99 -8.34 -8.77
C PHE A 94 -10.01 -6.82 -8.74
N LEU A 95 -8.93 -6.22 -9.23
CA LEU A 95 -8.83 -4.76 -9.22
C LEU A 95 -9.68 -4.14 -10.31
N ASP A 96 -9.80 -4.89 -11.41
CA ASP A 96 -10.64 -4.54 -12.55
C ASP A 96 -11.92 -5.34 -12.44
N PRO A 97 -13.08 -4.68 -12.34
CA PRO A 97 -14.34 -5.43 -12.22
C PRO A 97 -14.71 -6.26 -13.47
N SER A 98 -14.03 -6.08 -14.59
CA SER A 98 -14.10 -7.04 -15.70
C SER A 98 -13.53 -8.41 -15.33
N LYS A 99 -12.78 -8.47 -14.24
CA LYS A 99 -12.20 -9.70 -13.67
C LYS A 99 -11.08 -10.24 -14.54
N SER A 100 -10.46 -9.35 -15.32
CA SER A 100 -9.32 -9.73 -16.14
C SER A 100 -8.13 -10.15 -15.28
N SER A 101 -7.30 -11.04 -15.82
CA SER A 101 -6.16 -11.58 -15.07
C SER A 101 -5.14 -10.47 -14.72
N VAL A 102 -5.09 -9.40 -15.52
CA VAL A 102 -4.21 -8.28 -15.22
C VAL A 102 -4.49 -7.69 -13.82
N GLY A 103 -5.75 -7.75 -13.36
CA GLY A 103 -6.08 -7.23 -12.05
C GLY A 103 -6.26 -8.28 -10.96
N SER A 104 -5.86 -9.52 -11.23
CA SER A 104 -6.06 -10.58 -10.23
C SER A 104 -5.09 -10.36 -9.08
N TYR A 105 -5.60 -10.17 -7.88
CA TYR A 105 -4.77 -9.78 -6.76
C TYR A 105 -4.96 -10.77 -5.60
N PHE A 106 -6.04 -10.64 -4.83
CA PHE A 106 -6.32 -11.65 -3.77
C PHE A 106 -7.13 -12.84 -4.25
N HIS A 107 -7.50 -12.87 -5.55
CA HIS A 107 -8.41 -13.93 -6.02
C HIS A 107 -7.92 -15.37 -5.73
N THR A 108 -6.67 -15.64 -6.06
CA THR A 108 -6.16 -17.00 -5.90
C THR A 108 -6.20 -17.38 -4.45
N MET A 109 -5.84 -16.48 -3.53
CA MET A 109 -5.82 -16.76 -2.11
C MET A 109 -7.23 -16.99 -1.56
N VAL A 110 -8.21 -16.18 -1.98
CA VAL A 110 -9.57 -16.36 -1.53
C VAL A 110 -10.14 -17.70 -2.06
N GLU A 111 -9.86 -18.03 -3.31
CA GLU A 111 -10.28 -19.34 -3.84
C GLU A 111 -9.73 -20.49 -3.01
N SER A 112 -8.47 -20.36 -2.56
CA SER A 112 -7.87 -21.35 -1.67
C SER A 112 -8.58 -21.43 -0.31
N LEU A 113 -8.81 -20.27 0.29
CA LEU A 113 -9.56 -20.21 1.56
C LEU A 113 -10.92 -20.84 1.44
N VAL A 114 -11.63 -20.53 0.37
CA VAL A 114 -12.96 -21.12 0.14
C VAL A 114 -12.87 -22.64 -0.08
N GLY A 115 -11.85 -23.09 -0.79
CA GLY A 115 -11.59 -24.52 -0.90
C GLY A 115 -11.35 -25.20 0.45
N TRP A 116 -10.79 -24.47 1.42
CA TRP A 116 -10.58 -24.96 2.76
C TRP A 116 -11.79 -24.81 3.68
N GLY A 117 -12.88 -24.25 3.17
CA GLY A 117 -14.13 -24.17 3.92
C GLY A 117 -14.59 -22.79 4.36
N TYR A 118 -13.88 -21.73 3.95
CA TYR A 118 -14.26 -20.35 4.25
C TYR A 118 -15.39 -19.92 3.34
N THR A 119 -16.09 -18.87 3.76
CA THR A 119 -17.18 -18.26 3.00
C THR A 119 -16.93 -16.79 2.84
N ARG A 120 -16.94 -16.33 1.58
CA ARG A 120 -16.72 -14.90 1.28
C ARG A 120 -17.74 -14.06 1.98
N GLY A 121 -17.29 -12.99 2.63
CA GLY A 121 -18.22 -12.07 3.27
C GLY A 121 -18.66 -12.49 4.65
N GLU A 122 -18.18 -13.67 5.07
CA GLU A 122 -18.60 -14.23 6.36
C GLU A 122 -17.35 -14.38 7.19
N ASP A 123 -16.71 -15.55 7.15
CA ASP A 123 -15.50 -15.77 7.97
C ASP A 123 -14.20 -15.40 7.23
N VAL A 124 -14.30 -14.98 5.96
CA VAL A 124 -13.22 -14.26 5.32
C VAL A 124 -13.78 -12.95 4.78
N ARG A 125 -13.21 -11.84 5.22
CA ARG A 125 -13.68 -10.49 4.80
C ARG A 125 -12.53 -9.60 4.41
N GLY A 126 -12.74 -8.75 3.41
CA GLY A 126 -11.75 -7.75 3.05
C GLY A 126 -11.91 -6.43 3.77
N ALA A 127 -10.79 -5.75 3.97
CA ALA A 127 -10.76 -4.42 4.58
C ALA A 127 -10.09 -3.43 3.63
N PRO A 128 -10.70 -3.17 2.47
CA PRO A 128 -10.17 -2.16 1.54
C PRO A 128 -10.27 -0.73 2.08
N TYR A 129 -9.42 0.15 1.58
CA TYR A 129 -9.34 1.54 2.05
C TYR A 129 -8.87 2.46 0.95
N ASP A 130 -8.91 3.77 1.21
CA ASP A 130 -8.42 4.75 0.27
C ASP A 130 -6.89 4.79 0.36
N TRP A 131 -6.25 3.98 -0.47
CA TRP A 131 -4.81 3.76 -0.41
C TRP A 131 -3.98 4.96 -0.92
N ARG A 132 -4.64 5.99 -1.45
CA ARG A 132 -3.96 7.24 -1.80
C ARG A 132 -3.53 8.02 -0.58
N ARG A 133 -4.21 7.78 0.54
CA ARG A 133 -3.95 8.47 1.79
C ARG A 133 -3.17 7.65 2.75
N ALA A 134 -2.65 8.31 3.77
CA ALA A 134 -1.97 7.65 4.88
C ALA A 134 -2.98 7.39 6.00
N PRO A 135 -2.62 6.55 6.99
CA PRO A 135 -3.62 6.20 8.00
C PRO A 135 -4.21 7.35 8.81
N ASN A 136 -3.49 8.46 8.93
CA ASN A 136 -3.98 9.62 9.65
C ASN A 136 -5.24 10.22 9.06
N GLU A 137 -5.53 9.97 7.78
CA GLU A 137 -6.76 10.43 7.17
C GLU A 137 -7.71 9.31 6.79
N ASN A 138 -7.60 8.17 7.48
CA ASN A 138 -8.49 7.05 7.29
C ASN A 138 -9.02 6.55 8.65
N GLY A 139 -9.32 7.49 9.54
CA GLY A 139 -9.92 7.19 10.83
C GLY A 139 -11.17 6.32 10.75
N PRO A 140 -12.14 6.69 9.89
CA PRO A 140 -13.35 5.86 9.78
C PRO A 140 -13.10 4.38 9.39
N TYR A 141 -12.13 4.17 8.51
CA TYR A 141 -11.68 2.82 8.17
C TYR A 141 -11.29 1.99 9.40
N PHE A 142 -10.49 2.58 10.28
CA PHE A 142 -10.02 1.85 11.46
C PHE A 142 -11.15 1.55 12.45
N LEU A 143 -12.10 2.45 12.55
CA LEU A 143 -13.29 2.19 13.37
C LEU A 143 -14.09 1.01 12.81
N ALA A 144 -14.31 1.02 11.49
CA ALA A 144 -15.01 -0.06 10.80
C ALA A 144 -14.28 -1.40 10.94
N LEU A 145 -12.96 -1.36 10.84
CA LEU A 145 -12.14 -2.55 10.98
C LEU A 145 -12.26 -3.16 12.38
N ARG A 146 -12.16 -2.30 13.39
CA ARG A 146 -12.32 -2.75 14.78
C ARG A 146 -13.70 -3.39 14.98
N GLU A 147 -14.74 -2.74 14.49
CA GLU A 147 -16.08 -3.29 14.60
C GLU A 147 -16.25 -4.63 13.88
N MET A 148 -15.69 -4.73 12.67
CA MET A 148 -15.77 -5.95 11.89
C MET A 148 -15.07 -7.12 12.59
N ILE A 149 -13.89 -6.84 13.14
CA ILE A 149 -13.15 -7.85 13.91
C ILE A 149 -13.96 -8.33 15.11
N GLU A 150 -14.55 -7.40 15.86
CA GLU A 150 -15.36 -7.78 17.01
C GLU A 150 -16.57 -8.65 16.61
N GLU A 151 -17.22 -8.27 15.51
CA GLU A 151 -18.36 -9.01 14.96
C GLU A 151 -17.95 -10.45 14.59
N MET A 152 -16.82 -10.56 13.90
CA MET A 152 -16.36 -11.86 13.45
C MET A 152 -16.00 -12.74 14.65
N TYR A 153 -15.41 -12.15 15.67
CA TYR A 153 -15.08 -12.88 16.90
C TYR A 153 -16.33 -13.49 17.51
N GLN A 154 -17.38 -12.65 17.61
CA GLN A 154 -18.66 -13.11 18.18
C GLN A 154 -19.34 -14.17 17.33
N LEU A 155 -19.37 -13.95 16.02
CA LEU A 155 -20.08 -14.85 15.12
C LEU A 155 -19.38 -16.19 14.97
N TYR A 156 -18.08 -16.18 14.85
CA TYR A 156 -17.34 -17.39 14.50
C TYR A 156 -16.61 -18.00 15.70
N GLY A 157 -16.77 -17.38 16.89
CA GLY A 157 -16.33 -18.04 18.12
C GLY A 157 -14.86 -18.03 18.49
N GLY A 158 -14.11 -17.10 17.90
CA GLY A 158 -12.71 -16.99 18.25
C GLY A 158 -12.01 -15.80 17.62
N PRO A 159 -10.75 -15.58 18.02
CA PRO A 159 -9.95 -14.48 17.52
C PRO A 159 -9.57 -14.61 16.04
N VAL A 160 -9.31 -13.46 15.42
CA VAL A 160 -9.14 -13.35 13.97
C VAL A 160 -7.67 -13.37 13.54
N VAL A 161 -7.42 -13.88 12.34
CA VAL A 161 -6.10 -13.73 11.73
C VAL A 161 -6.16 -12.60 10.72
N LEU A 162 -5.26 -11.63 10.89
CA LEU A 162 -5.09 -10.55 9.91
C LEU A 162 -4.05 -10.97 8.89
N VAL A 163 -4.36 -10.83 7.62
CA VAL A 163 -3.41 -11.13 6.55
C VAL A 163 -3.28 -9.87 5.72
N ALA A 164 -2.10 -9.26 5.69
CA ALA A 164 -1.91 -7.97 5.01
C ALA A 164 -0.78 -8.04 3.98
N HIS A 165 -0.94 -7.30 2.90
CA HIS A 165 0.04 -7.25 1.84
C HIS A 165 0.58 -5.86 1.65
N ALA A 166 1.89 -5.77 1.48
CA ALA A 166 2.56 -4.53 1.11
C ALA A 166 2.21 -3.40 2.10
N MET A 167 1.78 -2.25 1.60
CA MET A 167 1.46 -1.13 2.47
C MET A 167 0.35 -1.46 3.48
N GLY A 168 -0.48 -2.45 3.17
CA GLY A 168 -1.50 -2.88 4.13
C GLY A 168 -0.89 -3.27 5.47
N ASN A 169 0.37 -3.73 5.46
CA ASN A 169 1.03 -4.07 6.68
C ASN A 169 1.28 -2.87 7.60
N MET A 170 1.61 -1.75 6.98
CA MET A 170 1.85 -0.52 7.71
C MET A 170 0.55 0.08 8.25
N TYR A 171 -0.53 -0.01 7.46
CA TYR A 171 -1.90 0.29 7.95
C TYR A 171 -2.25 -0.57 9.16
N THR A 172 -1.98 -1.88 9.06
CA THR A 172 -2.31 -2.80 10.15
C THR A 172 -1.48 -2.53 11.39
N LEU A 173 -0.17 -2.27 11.22
CA LEU A 173 0.68 -1.92 12.37
C LEU A 173 0.20 -0.63 13.06
N TYR A 174 -0.14 0.39 12.27
CA TYR A 174 -0.68 1.62 12.83
C TYR A 174 -1.89 1.31 13.68
N PHE A 175 -2.82 0.51 13.12
CA PHE A 175 -4.03 0.11 13.84
C PHE A 175 -3.71 -0.58 15.16
N LEU A 176 -2.86 -1.60 15.10
CA LEU A 176 -2.53 -2.40 16.27
C LEU A 176 -1.77 -1.61 17.33
N GLN A 177 -0.88 -0.72 16.93
CA GLN A 177 -0.16 0.13 17.89
C GLN A 177 -1.11 1.00 18.71
N ARG A 178 -2.28 1.31 18.15
CA ARG A 178 -3.27 2.14 18.81
C ARG A 178 -4.35 1.37 19.59
N GLN A 179 -4.32 0.06 19.61
CA GLN A 179 -5.33 -0.71 20.35
C GLN A 179 -4.72 -1.20 21.64
N PRO A 180 -5.49 -1.16 22.73
CA PRO A 180 -5.00 -1.70 24.00
C PRO A 180 -4.54 -3.15 23.90
N GLN A 181 -3.52 -3.50 24.68
CA GLN A 181 -2.99 -4.87 24.69
C GLN A 181 -4.08 -5.90 25.01
N ALA A 182 -4.97 -5.58 25.94
CA ALA A 182 -6.05 -6.50 26.32
C ALA A 182 -7.00 -6.77 25.14
N TRP A 183 -7.24 -5.76 24.32
CA TRP A 183 -8.08 -5.94 23.15
C TRP A 183 -7.40 -6.89 22.18
N LYS A 184 -6.11 -6.69 21.92
CA LYS A 184 -5.38 -7.52 20.99
C LYS A 184 -5.29 -8.98 21.45
N ASP A 185 -5.08 -9.15 22.76
CA ASP A 185 -5.02 -10.48 23.34
C ASP A 185 -6.32 -11.24 23.19
N LYS A 186 -7.45 -10.53 23.24
CA LYS A 186 -8.74 -11.17 23.08
C LYS A 186 -9.10 -11.45 21.62
N TYR A 187 -8.89 -10.47 20.75
CA TYR A 187 -9.51 -10.47 19.43
C TYR A 187 -8.60 -10.87 18.28
N ILE A 188 -7.28 -10.83 18.47
CA ILE A 188 -6.34 -11.14 17.37
C ILE A 188 -5.64 -12.45 17.65
N ARG A 189 -5.78 -13.40 16.74
CA ARG A 189 -5.08 -14.68 16.83
C ARG A 189 -3.65 -14.57 16.30
N ALA A 190 -3.48 -13.95 15.15
CA ALA A 190 -2.16 -13.78 14.56
C ALA A 190 -2.24 -12.70 13.48
N PHE A 191 -1.07 -12.22 13.10
CA PHE A 191 -0.89 -11.26 12.03
C PHE A 191 0.10 -11.88 11.05
N VAL A 192 -0.37 -12.17 9.84
CA VAL A 192 0.48 -12.65 8.75
C VAL A 192 0.80 -11.45 7.87
N SER A 193 2.08 -11.10 7.82
CA SER A 193 2.60 -9.95 7.10
C SER A 193 3.28 -10.39 5.81
N LEU A 194 2.73 -10.01 4.68
CA LEU A 194 3.29 -10.36 3.37
C LEU A 194 3.92 -9.15 2.67
N GLY A 195 5.24 -9.16 2.52
CA GLY A 195 5.92 -8.13 1.74
C GLY A 195 5.83 -6.74 2.33
N ALA A 196 6.01 -6.64 3.64
CA ALA A 196 5.88 -5.37 4.36
C ALA A 196 7.02 -4.38 4.09
N PRO A 197 6.69 -3.14 3.64
CA PRO A 197 7.69 -2.09 3.42
C PRO A 197 7.91 -1.27 4.68
N TRP A 198 8.24 -1.92 5.79
CA TRP A 198 8.38 -1.27 7.11
C TRP A 198 9.22 0.04 7.08
N GLY A 199 10.37 -0.01 6.42
CA GLY A 199 11.31 1.12 6.39
C GLY A 199 11.24 1.99 5.15
N GLY A 200 10.16 1.87 4.40
CA GLY A 200 10.05 2.53 3.12
C GLY A 200 10.60 1.71 1.96
N VAL A 201 10.42 2.21 0.74
CA VAL A 201 10.98 1.56 -0.44
C VAL A 201 11.73 2.59 -1.31
N ALA A 202 12.88 2.20 -1.86
CA ALA A 202 13.72 3.16 -2.55
C ALA A 202 13.04 3.73 -3.79
N LYS A 203 12.20 2.94 -4.46
CA LYS A 203 11.60 3.39 -5.71
C LYS A 203 10.72 4.64 -5.64
N THR A 204 10.25 4.97 -4.43
CA THR A 204 9.49 6.21 -4.22
C THR A 204 10.25 7.45 -4.68
N LEU A 205 11.58 7.46 -4.55
CA LEU A 205 12.37 8.59 -5.04
C LEU A 205 12.17 8.81 -6.53
N ARG A 206 12.25 7.72 -7.28
CA ARG A 206 12.10 7.83 -8.74
C ARG A 206 10.67 8.20 -9.11
N VAL A 207 9.71 7.62 -8.43
CA VAL A 207 8.30 7.95 -8.67
C VAL A 207 8.07 9.45 -8.55
N LEU A 208 8.50 10.04 -7.44
CA LEU A 208 8.28 11.46 -7.19
C LEU A 208 9.09 12.33 -8.12
N ALA A 209 10.33 11.95 -8.42
CA ALA A 209 11.17 12.80 -9.27
C ALA A 209 10.69 12.81 -10.72
N SER A 210 10.56 11.62 -11.30
CA SER A 210 10.42 11.49 -12.74
C SER A 210 9.23 10.65 -13.22
N GLY A 211 8.44 10.15 -12.28
CA GLY A 211 7.27 9.33 -12.61
C GLY A 211 7.62 7.88 -12.85
N ASP A 212 6.68 6.99 -12.62
CA ASP A 212 6.84 5.58 -12.88
C ASP A 212 5.57 5.06 -13.57
N ASN A 213 5.75 4.68 -14.82
CA ASN A 213 4.62 4.21 -15.64
C ASN A 213 4.60 2.70 -15.89
N ASN A 214 5.38 1.97 -15.09
CA ASN A 214 5.51 0.52 -15.27
C ASN A 214 4.18 -0.21 -15.14
N ARG A 215 3.27 0.33 -14.35
CA ARG A 215 1.94 -0.24 -14.20
C ARG A 215 1.01 0.09 -15.37
N ILE A 216 1.36 1.10 -16.15
CA ILE A 216 0.49 1.57 -17.23
C ILE A 216 1.37 2.14 -18.39
N PRO A 217 2.11 1.25 -19.10
CA PRO A 217 3.28 1.68 -19.87
C PRO A 217 2.98 2.58 -21.07
N VAL A 218 1.75 2.55 -21.55
CA VAL A 218 1.33 3.37 -22.65
C VAL A 218 1.21 4.85 -22.25
N ILE A 219 1.15 5.13 -20.93
CA ILE A 219 1.17 6.52 -20.47
C ILE A 219 2.59 7.05 -20.20
N GLY A 220 2.77 8.33 -20.51
CA GLY A 220 4.05 9.01 -20.32
C GLY A 220 4.35 9.16 -18.84
N PRO A 221 5.64 8.95 -18.46
CA PRO A 221 5.92 8.95 -17.03
C PRO A 221 5.72 10.34 -16.42
N LEU A 222 5.96 11.41 -17.17
CA LEU A 222 5.79 12.77 -16.63
C LEU A 222 4.32 13.15 -16.41
N LYS A 223 3.43 12.53 -17.18
CA LYS A 223 1.99 12.74 -17.02
C LYS A 223 1.48 12.06 -15.76
N ILE A 224 1.80 10.78 -15.63
CA ILE A 224 1.35 10.01 -14.45
C ILE A 224 2.00 10.46 -13.15
N ARG A 225 3.19 11.06 -13.24
CA ARG A 225 3.89 11.62 -12.07
C ARG A 225 2.98 12.56 -11.28
N GLU A 226 2.15 13.31 -12.01
CA GLU A 226 1.23 14.27 -11.36
C GLU A 226 0.33 13.58 -10.35
N GLN A 227 -0.24 12.45 -10.72
CA GLN A 227 -1.09 11.70 -9.82
C GLN A 227 -0.27 11.07 -8.69
N GLN A 228 0.87 10.48 -9.04
CA GLN A 228 1.66 9.75 -8.06
C GLN A 228 2.16 10.67 -6.95
N ARG A 229 2.58 11.88 -7.31
CA ARG A 229 2.99 12.86 -6.31
C ARG A 229 1.86 13.25 -5.36
N SER A 230 0.64 13.29 -5.88
CA SER A 230 -0.51 13.75 -5.15
C SER A 230 -0.97 12.80 -4.06
N ALA A 231 -0.61 11.53 -4.20
CA ALA A 231 -0.95 10.50 -3.23
C ALA A 231 0.03 10.55 -2.05
N VAL A 232 -0.53 10.88 -0.89
CA VAL A 232 0.24 11.02 0.35
C VAL A 232 1.04 9.77 0.65
N SER A 233 0.46 8.61 0.35
CA SER A 233 1.09 7.32 0.65
C SER A 233 2.47 7.20 0.00
N THR A 234 2.68 7.85 -1.14
CA THR A 234 4.01 7.81 -1.80
C THR A 234 5.09 8.46 -0.92
N SER A 235 4.84 9.67 -0.44
CA SER A 235 5.80 10.38 0.42
C SER A 235 5.96 9.71 1.78
N TRP A 236 4.88 9.12 2.29
CA TRP A 236 4.92 8.35 3.54
C TRP A 236 5.94 7.21 3.48
N LEU A 237 6.11 6.63 2.30
CA LEU A 237 6.99 5.46 2.16
C LEU A 237 8.38 5.75 1.64
N LEU A 238 8.83 7.01 1.68
CA LEU A 238 10.26 7.30 1.49
C LEU A 238 11.08 6.54 2.52
N PRO A 239 12.29 6.11 2.14
CA PRO A 239 13.23 5.46 3.06
C PRO A 239 13.39 6.16 4.40
N TYR A 240 13.40 5.36 5.47
CA TYR A 240 13.58 5.83 6.85
C TYR A 240 14.97 5.49 7.38
N ASN A 241 15.48 6.31 8.28
CA ASN A 241 16.80 6.07 8.90
C ASN A 241 16.89 4.91 9.88
N TYR A 242 15.77 4.30 10.23
CA TYR A 242 15.84 3.10 11.06
C TYR A 242 16.15 1.82 10.26
N THR A 243 16.09 1.93 8.93
CA THR A 243 16.45 0.84 8.03
C THR A 243 17.69 1.15 7.23
N TRP A 244 17.81 2.39 6.74
CA TRP A 244 18.91 2.75 5.85
C TRP A 244 19.85 3.70 6.53
N SER A 245 21.08 3.67 6.02
CA SER A 245 22.10 4.58 6.45
C SER A 245 21.78 6.02 6.00
N PRO A 246 21.99 7.00 6.87
CA PRO A 246 21.80 8.40 6.47
C PRO A 246 22.75 8.85 5.35
N GLU A 247 23.83 8.11 5.14
CA GLU A 247 24.80 8.36 4.09
C GLU A 247 24.54 7.66 2.75
N LYS A 248 23.56 6.76 2.70
CA LYS A 248 23.26 6.09 1.43
C LYS A 248 22.69 7.08 0.41
N VAL A 249 23.28 7.10 -0.78
CA VAL A 249 22.79 7.95 -1.87
C VAL A 249 21.69 7.23 -2.63
N PHE A 250 20.50 7.82 -2.66
CA PHE A 250 19.37 7.26 -3.41
C PHE A 250 19.25 7.82 -4.82
N VAL A 251 19.66 9.09 -4.98
CA VAL A 251 19.60 9.78 -6.24
C VAL A 251 20.94 10.46 -6.48
N GLN A 252 21.56 10.13 -7.63
CA GLN A 252 22.76 10.79 -8.10
C GLN A 252 22.44 11.55 -9.39
N THR A 253 23.02 12.75 -9.50
CA THR A 253 23.01 13.52 -10.74
C THR A 253 24.46 13.93 -11.01
N PRO A 254 24.72 14.58 -12.16
CA PRO A 254 26.10 15.00 -12.43
C PRO A 254 26.68 16.00 -11.43
N THR A 255 25.84 16.73 -10.70
CA THR A 255 26.31 17.80 -9.81
C THR A 255 25.93 17.65 -8.34
N ILE A 256 25.10 16.69 -7.98
CA ILE A 256 24.57 16.64 -6.63
C ILE A 256 24.03 15.24 -6.31
N ASN A 257 24.12 14.86 -5.04
CA ASN A 257 23.54 13.62 -4.57
C ASN A 257 22.40 13.97 -3.61
N TYR A 258 21.45 13.04 -3.49
CA TYR A 258 20.43 13.08 -2.44
C TYR A 258 20.42 11.79 -1.63
N THR A 259 20.63 11.99 -0.32
CA THR A 259 20.49 10.96 0.71
C THR A 259 19.18 11.18 1.48
N LEU A 260 18.83 10.29 2.40
CA LEU A 260 17.59 10.46 3.16
C LEU A 260 17.65 11.62 4.14
N ARG A 261 18.83 12.21 4.33
CA ARG A 261 18.92 13.45 5.12
C ARG A 261 18.69 14.72 4.29
N ASP A 262 18.38 14.54 3.01
CA ASP A 262 18.28 15.63 2.05
C ASP A 262 16.91 15.77 1.40
N TYR A 263 15.86 15.25 2.05
CA TYR A 263 14.54 15.26 1.44
C TYR A 263 13.99 16.68 1.21
N ARG A 264 14.27 17.60 2.11
CA ARG A 264 13.80 18.97 1.94
C ARG A 264 14.34 19.59 0.63
N LYS A 265 15.64 19.43 0.39
CA LYS A 265 16.28 19.91 -0.85
C LYS A 265 15.74 19.17 -2.08
N PHE A 266 15.56 17.86 -1.95
CA PHE A 266 15.01 17.03 -3.03
C PHE A 266 13.64 17.55 -3.48
N PHE A 267 12.77 17.79 -2.52
CA PHE A 267 11.44 18.29 -2.84
C PHE A 267 11.46 19.70 -3.43
N GLN A 268 12.34 20.56 -2.94
CA GLN A 268 12.55 21.85 -3.55
C GLN A 268 13.00 21.70 -5.01
N ASP A 269 13.98 20.83 -5.21
CA ASP A 269 14.66 20.72 -6.51
C ASP A 269 13.84 20.04 -7.60
N ILE A 270 12.89 19.17 -7.22
CA ILE A 270 12.00 18.60 -8.19
C ILE A 270 10.73 19.43 -8.41
N GLY A 271 10.60 20.53 -7.67
CA GLY A 271 9.49 21.45 -7.82
C GLY A 271 8.23 20.95 -7.17
N PHE A 272 8.36 20.26 -6.03
CA PHE A 272 7.19 19.71 -5.35
C PHE A 272 7.30 19.90 -3.83
N GLU A 273 7.17 21.15 -3.40
CA GLU A 273 7.38 21.49 -1.99
C GLU A 273 6.34 20.84 -1.05
N ASP A 274 5.14 20.62 -1.55
CA ASP A 274 4.09 19.95 -0.79
C ASP A 274 4.49 18.56 -0.31
N GLY A 275 5.33 17.88 -1.08
CA GLY A 275 5.78 16.57 -0.70
C GLY A 275 6.53 16.56 0.63
N TRP A 276 7.28 17.63 0.87
CA TRP A 276 8.03 17.74 2.12
C TRP A 276 7.07 17.87 3.31
N LEU A 277 6.04 18.69 3.10
CA LEU A 277 5.01 18.87 4.12
C LEU A 277 4.29 17.56 4.39
N MET A 278 3.98 16.80 3.33
CA MET A 278 3.37 15.47 3.50
C MET A 278 4.27 14.50 4.25
N ARG A 279 5.57 14.51 3.94
CA ARG A 279 6.51 13.67 4.66
C ARG A 279 6.58 14.05 6.15
N GLN A 280 6.63 15.34 6.45
CA GLN A 280 6.59 15.77 7.85
C GLN A 280 5.31 15.33 8.53
N ASP A 281 4.16 15.40 7.84
CA ASP A 281 2.89 14.98 8.40
C ASP A 281 2.87 13.48 8.74
N THR A 282 3.61 12.67 7.99
CA THR A 282 3.41 11.22 8.03
C THR A 282 4.57 10.42 8.61
N GLU A 283 5.77 11.00 8.71
CA GLU A 283 6.97 10.25 9.10
C GLU A 283 6.90 9.68 10.52
N GLY A 284 6.08 10.28 11.39
CA GLY A 284 5.94 9.80 12.75
C GLY A 284 4.76 8.87 13.02
N LEU A 285 3.97 8.56 12.00
CA LEU A 285 2.69 7.86 12.23
C LEU A 285 2.88 6.46 12.76
N VAL A 286 3.77 5.70 12.13
CA VAL A 286 4.04 4.32 12.60
C VAL A 286 5.27 4.33 13.48
N GLU A 287 5.15 3.91 14.73
CA GLU A 287 6.30 3.94 15.64
C GLU A 287 7.31 2.91 15.20
N ALA A 288 8.53 3.37 14.87
CA ALA A 288 9.57 2.57 14.21
C ALA A 288 9.86 1.24 14.90
N THR A 289 9.91 1.25 16.24
CA THR A 289 10.35 0.09 17.00
C THR A 289 9.28 -0.65 17.77
N MET A 290 8.11 -0.03 18.00
CA MET A 290 7.06 -0.67 18.85
C MET A 290 6.43 -1.85 18.12
N PRO A 291 6.50 -3.07 18.70
CA PRO A 291 5.99 -4.25 18.00
C PRO A 291 4.47 -4.30 18.11
N PRO A 292 3.83 -5.16 17.29
CA PRO A 292 2.37 -5.12 17.27
C PRO A 292 1.76 -5.72 18.54
N GLY A 293 2.49 -6.56 19.26
CA GLY A 293 1.95 -7.19 20.47
C GLY A 293 0.97 -8.33 20.19
N VAL A 294 1.17 -8.99 19.04
CA VAL A 294 0.45 -10.19 18.65
C VAL A 294 1.43 -11.13 17.96
N GLN A 295 1.07 -12.41 17.87
CA GLN A 295 1.88 -13.37 17.14
C GLN A 295 2.00 -12.90 15.68
N LEU A 296 3.23 -12.80 15.21
CA LEU A 296 3.52 -12.20 13.93
C LEU A 296 4.33 -13.15 13.04
N HIS A 297 3.88 -13.31 11.80
CA HIS A 297 4.57 -14.10 10.80
C HIS A 297 4.99 -13.15 9.70
N CYS A 298 6.29 -12.88 9.60
CA CYS A 298 6.82 -11.95 8.61
CA CYS A 298 6.77 -11.95 8.58
C CYS A 298 7.37 -12.70 7.40
N LEU A 299 6.63 -12.63 6.30
CA LEU A 299 7.03 -13.25 5.05
C LEU A 299 7.61 -12.19 4.12
N TYR A 300 8.82 -12.43 3.64
CA TYR A 300 9.52 -11.45 2.80
C TYR A 300 10.18 -12.14 1.62
N GLY A 301 9.97 -11.58 0.44
CA GLY A 301 10.60 -12.13 -0.77
C GLY A 301 12.04 -11.65 -0.95
N THR A 302 12.87 -12.54 -1.51
CA THR A 302 14.25 -12.22 -1.83
C THR A 302 14.58 -12.72 -3.22
N GLY A 303 15.73 -12.31 -3.73
CA GLY A 303 16.26 -12.83 -4.99
C GLY A 303 15.64 -12.24 -6.24
N VAL A 304 14.88 -11.16 -6.07
CA VAL A 304 14.27 -10.46 -7.19
C VAL A 304 14.89 -9.07 -7.28
N PRO A 305 15.43 -8.70 -8.45
CA PRO A 305 16.07 -7.37 -8.52
C PRO A 305 15.11 -6.26 -8.13
N THR A 306 15.52 -5.44 -7.18
CA THR A 306 14.64 -4.42 -6.60
C THR A 306 15.29 -3.04 -6.67
N PRO A 307 14.59 -2.03 -7.20
CA PRO A 307 15.22 -0.71 -7.30
C PRO A 307 15.80 -0.22 -5.98
N ASP A 308 17.05 0.21 -6.04
CA ASP A 308 17.84 0.61 -4.87
C ASP A 308 18.26 2.08 -4.95
N SER A 309 18.61 2.54 -6.15
CA SER A 309 19.09 3.93 -6.33
C SER A 309 19.01 4.27 -7.81
N PHE A 310 19.14 5.55 -8.12
CA PHE A 310 18.88 6.09 -9.44
C PHE A 310 19.93 7.10 -9.86
N TYR A 311 20.38 7.02 -11.11
CA TYR A 311 21.26 8.04 -11.66
C TYR A 311 20.54 8.80 -12.75
N TYR A 312 20.44 10.11 -12.59
CA TYR A 312 19.81 10.97 -13.58
C TYR A 312 20.86 11.75 -14.36
N GLU A 313 20.88 11.56 -15.66
CA GLU A 313 21.73 12.39 -16.52
C GLU A 313 21.11 13.78 -16.67
N SER A 314 19.78 13.82 -16.65
CA SER A 314 19.04 15.07 -16.72
C SER A 314 17.87 14.99 -15.71
N PHE A 315 17.85 15.93 -14.78
CA PHE A 315 17.01 15.82 -13.60
C PHE A 315 16.06 17.00 -13.52
N PRO A 316 14.77 16.79 -13.20
CA PRO A 316 14.14 15.49 -12.89
C PRO A 316 13.23 14.95 -14.01
N ASP A 317 13.29 15.52 -15.21
CA ASP A 317 12.27 15.26 -16.22
C ASP A 317 12.62 14.20 -17.27
N ARG A 318 13.69 13.45 -17.03
CA ARG A 318 14.09 12.33 -17.89
C ARG A 318 14.23 11.08 -17.02
N ASP A 319 13.91 9.91 -17.58
CA ASP A 319 13.98 8.66 -16.81
C ASP A 319 15.43 8.37 -16.39
N PRO A 320 15.64 7.83 -15.18
CA PRO A 320 16.99 7.55 -14.73
C PRO A 320 17.49 6.17 -15.10
N LYS A 321 18.80 5.97 -14.97
CA LYS A 321 19.35 4.63 -14.90
C LYS A 321 19.08 4.08 -13.52
N ILE A 322 18.84 2.77 -13.41
CA ILE A 322 18.44 2.18 -12.15
C ILE A 322 19.50 1.19 -11.66
N CYS A 323 19.85 1.30 -10.38
CA CYS A 323 20.67 0.31 -9.68
C CYS A 323 19.74 -0.57 -8.83
N PHE A 324 19.97 -1.88 -8.90
CA PHE A 324 19.12 -2.85 -8.24
C PHE A 324 19.82 -3.52 -7.06
N GLY A 325 19.06 -3.74 -5.99
CA GLY A 325 19.50 -4.54 -4.85
C GLY A 325 18.54 -5.70 -4.63
N ASP A 326 18.64 -6.35 -3.47
CA ASP A 326 17.85 -7.52 -3.18
C ASP A 326 16.48 -7.13 -2.62
N GLY A 327 15.53 -8.04 -2.71
CA GLY A 327 14.14 -7.83 -2.26
C GLY A 327 13.17 -8.62 -3.09
N ASP A 328 11.93 -8.13 -3.19
CA ASP A 328 10.87 -8.83 -3.91
C ASP A 328 10.46 -8.13 -5.20
N GLY A 329 11.27 -7.18 -5.66
CA GLY A 329 10.97 -6.42 -6.87
C GLY A 329 10.46 -5.04 -6.59
N THR A 330 9.86 -4.85 -5.41
CA THR A 330 9.33 -3.54 -5.00
C THR A 330 9.88 -3.14 -3.64
N VAL A 331 9.77 -4.03 -2.66
CA VAL A 331 10.24 -3.81 -1.31
C VAL A 331 11.68 -4.28 -1.16
N ASN A 332 12.52 -3.34 -0.76
CA ASN A 332 13.93 -3.64 -0.55
C ASN A 332 14.08 -4.58 0.63
N LEU A 333 15.01 -5.52 0.51
CA LEU A 333 15.23 -6.50 1.58
C LEU A 333 15.47 -5.83 2.95
N LYS A 334 16.19 -4.71 2.97
CA LYS A 334 16.50 -4.05 4.22
C LYS A 334 15.25 -3.56 4.95
N SER A 335 14.28 -3.13 4.17
CA SER A 335 13.03 -2.60 4.69
C SER A 335 12.25 -3.73 5.29
N ALA A 336 12.11 -4.80 4.54
CA ALA A 336 11.36 -5.97 5.01
C ALA A 336 11.87 -6.52 6.35
N LEU A 337 13.16 -6.37 6.63
CA LEU A 337 13.75 -7.01 7.81
C LEU A 337 13.69 -6.23 9.12
N GLN A 338 12.73 -5.32 9.28
CA GLN A 338 12.61 -4.62 10.57
C GLN A 338 12.00 -5.52 11.64
N CYS A 339 11.37 -6.63 11.24
CA CYS A 339 10.81 -7.56 12.19
C CYS A 339 11.85 -8.12 13.13
N GLN A 340 13.04 -8.40 12.62
CA GLN A 340 14.06 -9.03 13.43
C GLN A 340 14.13 -8.31 14.79
N ALA A 341 14.09 -6.99 14.75
CA ALA A 341 14.23 -6.17 15.95
C ALA A 341 13.08 -6.40 16.94
N TRP A 342 11.90 -6.67 16.41
CA TRP A 342 10.73 -6.87 17.25
C TRP A 342 10.75 -8.17 18.05
N GLN A 343 11.52 -9.17 17.63
CA GLN A 343 11.60 -10.44 18.33
C GLN A 343 11.84 -10.30 19.84
N SER A 344 12.77 -9.41 20.18
CA SER A 344 13.15 -9.25 21.58
C SER A 344 12.29 -8.22 22.33
N ARG A 345 11.41 -7.52 21.62
CA ARG A 345 10.63 -6.41 22.17
C ARG A 345 9.15 -6.72 22.45
N GLN A 346 8.68 -7.91 22.06
CA GLN A 346 7.36 -8.33 22.49
C GLN A 346 7.44 -9.77 23.00
N GLU A 347 6.44 -10.13 23.77
CA GLU A 347 6.34 -11.47 24.32
C GLU A 347 5.83 -12.50 23.33
N HIS A 348 4.85 -12.11 22.53
CA HIS A 348 4.36 -13.03 21.50
C HIS A 348 5.45 -13.33 20.48
N GLN A 349 5.38 -14.50 19.90
CA GLN A 349 6.34 -14.93 18.91
C GLN A 349 6.37 -14.05 17.65
N VAL A 350 7.57 -13.85 17.13
CA VAL A 350 7.76 -13.23 15.83
C VAL A 350 8.53 -14.23 14.95
N LEU A 351 7.89 -14.73 13.90
CA LEU A 351 8.49 -15.76 13.05
C LEU A 351 8.84 -15.12 11.73
N LEU A 352 10.08 -15.28 11.32
CA LEU A 352 10.52 -14.79 10.01
C LEU A 352 10.48 -15.91 9.01
N GLN A 353 9.96 -15.66 7.83
CA GLN A 353 10.01 -16.63 6.75
C GLN A 353 10.45 -16.00 5.43
N GLU A 354 11.64 -16.36 5.02
CA GLU A 354 12.16 -15.99 3.69
C GLU A 354 11.42 -16.71 2.58
N LEU A 355 11.10 -15.99 1.50
CA LEU A 355 10.49 -16.54 0.28
C LEU A 355 11.41 -16.27 -0.91
N PRO A 356 12.43 -17.13 -1.10
CA PRO A 356 13.37 -16.86 -2.18
C PRO A 356 12.74 -16.98 -3.55
N GLY A 357 12.95 -15.97 -4.38
CA GLY A 357 12.42 -15.94 -5.73
C GLY A 357 10.97 -15.53 -5.82
N SER A 358 10.38 -15.05 -4.71
CA SER A 358 8.96 -14.72 -4.73
C SER A 358 8.77 -13.22 -4.94
N GLU A 359 8.20 -12.87 -6.09
CA GLU A 359 7.93 -11.49 -6.43
C GLU A 359 6.76 -10.88 -5.64
N HIS A 360 6.80 -9.58 -5.44
CA HIS A 360 5.92 -8.82 -4.57
C HIS A 360 4.44 -9.17 -4.66
N ILE A 361 3.91 -9.11 -5.88
CA ILE A 361 2.49 -9.44 -6.08
C ILE A 361 2.26 -10.94 -6.28
N GLU A 362 3.15 -11.62 -6.98
CA GLU A 362 2.99 -13.05 -7.21
C GLU A 362 2.94 -13.85 -5.92
N MET A 363 3.54 -13.32 -4.85
CA MET A 363 3.58 -14.05 -3.59
C MET A 363 2.18 -14.34 -3.05
N LEU A 364 1.19 -13.52 -3.41
CA LEU A 364 -0.20 -13.73 -2.99
C LEU A 364 -0.90 -14.93 -3.61
N ALA A 365 -0.39 -15.42 -4.75
CA ALA A 365 -0.99 -16.55 -5.43
C ALA A 365 -0.03 -17.73 -5.47
N ASN A 366 1.06 -17.64 -4.71
CA ASN A 366 2.11 -18.65 -4.74
C ASN A 366 1.80 -19.80 -3.78
N ALA A 367 1.97 -21.02 -4.25
CA ALA A 367 1.62 -22.22 -3.47
C ALA A 367 2.38 -22.32 -2.15
N THR A 368 3.62 -21.84 -2.10
CA THR A 368 4.39 -21.84 -0.85
C THR A 368 3.80 -20.88 0.18
N THR A 369 3.38 -19.70 -0.30
CA THR A 369 2.73 -18.71 0.57
C THR A 369 1.45 -19.30 1.13
N LEU A 370 0.68 -19.94 0.27
CA LEU A 370 -0.61 -20.49 0.65
C LEU A 370 -0.45 -21.66 1.59
N ALA A 371 0.58 -22.48 1.39
CA ALA A 371 0.88 -23.59 2.31
C ALA A 371 1.23 -23.04 3.70
N TYR A 372 1.95 -21.92 3.77
CA TYR A 372 2.29 -21.32 5.05
C TYR A 372 1.01 -20.83 5.75
N LEU A 373 0.18 -20.12 5.02
CA LEU A 373 -1.08 -19.64 5.56
C LEU A 373 -1.97 -20.78 6.04
N LYS A 374 -2.03 -21.86 5.28
CA LYS A 374 -2.82 -23.02 5.67
C LYS A 374 -2.40 -23.56 7.04
N ARG A 375 -1.10 -23.63 7.29
CA ARG A 375 -0.57 -24.09 8.57
C ARG A 375 -0.96 -23.13 9.71
N VAL A 376 -0.91 -21.81 9.46
CA VAL A 376 -1.32 -20.82 10.44
C VAL A 376 -2.81 -21.00 10.79
N LEU A 377 -3.66 -21.19 9.78
CA LEU A 377 -5.10 -21.27 9.99
C LEU A 377 -5.59 -22.61 10.53
N LEU A 378 -5.10 -23.71 9.95
CA LEU A 378 -5.69 -25.03 10.16
C LEU A 378 -4.84 -25.90 11.05
N GLY A 379 -3.60 -25.50 11.34
CA GLY A 379 -2.69 -26.32 12.12
C GLY A 379 -1.91 -27.29 11.25
N PRO A 380 -0.95 -28.02 11.86
CA PRO A 380 0.16 -28.67 11.12
C PRO A 380 -0.27 -29.86 10.27
C1 NAG B . -7.58 24.83 3.54
C2 NAG B . -8.69 25.37 2.63
C3 NAG B . -9.45 26.56 3.21
C4 NAG B . -9.78 26.41 4.69
C5 NAG B . -8.61 25.80 5.46
C6 NAG B . -9.01 25.46 6.89
C7 NAG B . -8.56 25.15 0.19
C8 NAG B . -7.91 25.58 -1.09
N2 NAG B . -8.13 25.70 1.33
O3 NAG B . -10.68 26.68 2.51
O4 NAG B . -10.05 27.68 5.23
O5 NAG B . -8.13 24.63 4.82
O6 NAG B . -9.69 24.23 6.95
O7 NAG B . -9.47 24.31 0.15
C1 NAG C . 15.96 9.75 12.25
C2 NAG C . 16.90 10.82 12.80
C3 NAG C . 16.23 11.33 14.06
C4 NAG C . 14.93 12.01 13.67
C5 NAG C . 14.22 11.50 12.40
C6 NAG C . 13.97 12.66 11.42
C7 NAG C . 19.34 10.77 12.19
C8 NAG C . 19.14 11.63 10.96
N2 NAG C . 18.31 10.42 13.00
O3 NAG C . 17.08 12.24 14.71
O4 NAG C . 14.03 11.86 14.73
O5 NAG C . 14.83 10.40 11.70
O6 NAG C . 12.75 12.46 10.75
O7 NAG C . 20.48 10.38 12.44
C1 NAG D . 27.13 13.52 -2.80
C2 NAG D . 27.91 14.32 -1.77
C3 NAG D . 29.39 14.32 -2.13
C4 NAG D . 29.87 12.87 -2.22
C5 NAG D . 29.01 12.02 -3.17
C6 NAG D . 29.31 10.55 -2.97
C7 NAG D . 27.44 16.38 -0.48
C8 NAG D . 26.79 17.74 -0.41
N2 NAG D . 27.32 15.65 -1.60
O3 NAG D . 30.14 15.04 -1.18
O4 NAG D . 31.21 12.82 -2.65
O5 NAG D . 27.61 12.19 -2.98
O6 NAG D . 28.60 9.87 -3.96
O7 NAG D . 28.08 15.97 0.47
C1 NAG E . 6.94 -19.26 -4.99
C2 NAG E . 7.64 -19.16 -6.35
C3 NAG E . 8.95 -19.93 -6.34
C4 NAG E . 9.75 -19.51 -5.12
C5 NAG E . 8.94 -19.78 -3.87
C6 NAG E . 9.70 -19.52 -2.59
C7 NAG E . 6.68 -19.00 -8.60
C8 NAG E . 5.68 -19.51 -9.61
N2 NAG E . 6.72 -19.58 -7.39
O3 NAG E . 9.68 -19.69 -7.51
O4 NAG E . 10.94 -20.27 -5.05
O5 NAG E . 7.82 -18.92 -3.93
O6 NAG E . 8.80 -19.28 -1.55
O7 NAG E . 7.43 -18.09 -8.91
#